data_5RBZ
#
_entry.id   5RBZ
#
_cell.length_a   45.395
_cell.length_b   72.718
_cell.length_c   52.655
_cell.angle_alpha   90.000
_cell.angle_beta   109.230
_cell.angle_gamma   90.000
#
_symmetry.space_group_name_H-M   'P 1 21 1'
#
loop_
_entity.id
_entity.type
_entity.pdbx_description
1 polymer Endothiapepsin
2 non-polymer 2-(2-methylphenyl)acetamide
3 non-polymer 'DIMETHYL SULFOXIDE'
4 non-polymer GLYCEROL
5 non-polymer 'ACETATE ION'
6 non-polymer 'TETRAETHYLENE GLYCOL'
7 non-polymer 'SODIUM ION'
8 water water
#
_entity_poly.entity_id   1
_entity_poly.type   'polypeptide(L)'
_entity_poly.pdbx_seq_one_letter_code
;MSSPLKNALVTAMLAGGALSSPTKQHVGIPVNASPEVGPGKYSFKQVRNPNYKFNGPLSVKKTYLKYGVPIPAWLEDAVQ
NSTSGLAERSTGSATTTPIDSLDDAYITPVQIGTPAQTLNLDFDTGSSDLWVFSSETTASEVDGQTIYTPSKSTTAKLLS
GATWSISYGDGSSSSGDVYTDTVSVGGLTVTGQAVESAKKVSSSFTEDSTIDGLLGLAFSTLNTVSPTQQKTFFDNAKAS
LDSPVFTADLGYHAPGTYNFGFIDTTAYTGSITYTAVSTKQGFWEWTSTGYAVGSGTFKSTSIDGIADTGTTLLYLPATV
VSAYWAQVSGAKSSSSVGGYVFPCSATLPSFTFGVGSARIVIPGDYIDFGPISTGSSSCFGGIQSSAGIGINIFGDVALK
AAFVVFNGATTPTLGFASK
;
_entity_poly.pdbx_strand_id   A
#
# COMPACT_ATOMS: atom_id res chain seq x y z
N SER A 90 -3.57 17.64 17.46
CA SER A 90 -3.82 17.91 16.01
C SER A 90 -4.40 16.64 15.37
N THR A 91 -4.98 16.82 14.21
CA THR A 91 -5.50 15.69 13.38
C THR A 91 -5.26 16.06 11.94
N GLY A 92 -5.40 15.07 11.09
CA GLY A 92 -5.49 15.28 9.64
C GLY A 92 -6.46 14.30 9.03
N SER A 93 -6.99 14.65 7.87
CA SER A 93 -7.96 13.79 7.17
C SER A 93 -7.82 13.99 5.68
N ALA A 94 -7.50 12.99 4.89
CA ALA A 94 -7.28 13.15 3.45
C ALA A 94 -8.04 12.07 2.74
N THR A 95 -8.57 12.38 1.59
CA THR A 95 -9.22 11.41 0.72
C THR A 95 -8.19 10.67 -0.09
N THR A 96 -8.37 9.36 -0.24
CA THR A 96 -7.51 8.51 -1.07
C THR A 96 -8.34 7.95 -2.21
N THR A 97 -7.78 7.93 -3.40
CA THR A 97 -8.57 7.71 -4.64
C THR A 97 -7.91 6.58 -5.41
N PRO A 98 -8.67 5.56 -5.88
N PRO A 98 -8.69 5.61 -5.93
N PRO A 98 -8.65 5.55 -5.88
N PRO A 98 -8.68 5.61 -5.93
CA PRO A 98 -8.09 4.58 -6.80
CA PRO A 98 -8.08 4.54 -6.70
CA PRO A 98 -8.07 4.57 -6.79
CA PRO A 98 -8.09 4.52 -6.70
C PRO A 98 -7.39 5.20 -8.02
C PRO A 98 -7.50 5.11 -8.00
C PRO A 98 -7.42 5.21 -8.03
C PRO A 98 -7.57 5.09 -8.02
N ILE A 99 -6.30 4.58 -8.44
N ILE A 99 -6.34 4.58 -8.42
N ILE A 99 -6.32 4.63 -8.48
N ILE A 99 -6.39 4.64 -8.46
CA ILE A 99 -5.55 5.08 -9.62
CA ILE A 99 -5.60 5.09 -9.60
CA ILE A 99 -5.63 5.17 -9.69
CA ILE A 99 -5.71 5.20 -9.65
C ILE A 99 -6.19 4.59 -10.91
C ILE A 99 -6.20 4.59 -10.91
C ILE A 99 -6.37 4.71 -10.94
C ILE A 99 -6.41 4.73 -10.93
N ASP A 100 -7.10 3.60 -10.86
CA ASP A 100 -7.70 3.01 -12.07
C ASP A 100 -8.93 2.24 -11.69
N SER A 101 -9.59 1.63 -12.66
CA SER A 101 -10.89 1.01 -12.47
C SER A 101 -10.79 -0.32 -11.70
N LEU A 102 -9.60 -0.81 -11.45
CA LEU A 102 -9.39 -2.10 -10.75
C LEU A 102 -8.98 -1.85 -9.31
N ASP A 103 -8.77 -0.63 -8.84
CA ASP A 103 -8.20 -0.36 -7.50
C ASP A 103 -6.80 -0.93 -7.41
N ASP A 104 -5.99 -0.76 -8.45
CA ASP A 104 -4.62 -1.31 -8.39
C ASP A 104 -3.77 -0.66 -7.30
N ALA A 105 -4.06 0.59 -7.00
N ALA A 105 -4.06 0.59 -7.00
N ALA A 105 -4.07 0.60 -7.03
N ALA A 105 -4.07 0.60 -7.03
CA ALA A 105 -3.47 1.31 -5.86
CA ALA A 105 -3.47 1.31 -5.86
CA ALA A 105 -3.37 1.41 -6.02
CA ALA A 105 -3.37 1.41 -6.02
C ALA A 105 -4.32 2.53 -5.63
C ALA A 105 -4.32 2.53 -5.63
C ALA A 105 -4.27 2.60 -5.70
C ALA A 105 -4.27 2.60 -5.70
N TYR A 106 -3.97 3.27 -4.58
CA TYR A 106 -4.70 4.45 -4.15
C TYR A 106 -3.71 5.58 -4.00
N ILE A 107 -4.11 6.77 -4.41
N ILE A 107 -4.11 6.77 -4.41
N ILE A 107 -4.09 6.77 -4.45
N ILE A 107 -4.09 6.77 -4.45
CA ILE A 107 -3.27 7.97 -4.24
CA ILE A 107 -3.27 7.97 -4.24
CA ILE A 107 -3.25 8.00 -4.31
CA ILE A 107 -3.25 8.00 -4.31
C ILE A 107 -3.95 8.99 -3.35
C ILE A 107 -3.95 8.99 -3.35
C ILE A 107 -3.94 9.02 -3.41
C ILE A 107 -3.94 9.02 -3.41
N THR A 108 -3.13 9.70 -2.59
CA THR A 108 -3.58 10.68 -1.62
C THR A 108 -2.76 11.93 -1.87
N PRO A 109 -3.38 13.12 -1.92
CA PRO A 109 -2.60 14.33 -2.17
C PRO A 109 -1.86 14.70 -0.88
N VAL A 110 -0.62 15.13 -1.07
CA VAL A 110 0.32 15.51 0.00
C VAL A 110 0.96 16.84 -0.40
N GLN A 111 0.95 17.80 0.52
CA GLN A 111 1.58 19.09 0.30
C GLN A 111 3.03 19.04 0.79
N ILE A 112 3.96 19.41 -0.05
CA ILE A 112 5.40 19.40 0.31
C ILE A 112 5.95 20.79 0.03
N GLY A 113 6.64 21.38 1.00
CA GLY A 113 7.37 22.63 0.71
C GLY A 113 6.57 23.87 0.89
N THR A 114 7.26 24.99 0.61
CA THR A 114 6.68 26.35 0.77
C THR A 114 7.11 27.20 -0.40
N PRO A 115 6.21 27.70 -1.25
CA PRO A 115 4.77 27.37 -1.25
C PRO A 115 4.57 25.88 -1.52
N ALA A 116 3.38 25.39 -1.19
CA ALA A 116 3.07 23.96 -1.28
C ALA A 116 3.22 23.50 -2.72
N GLN A 117 3.81 22.33 -2.85
CA GLN A 117 3.81 21.53 -4.07
C GLN A 117 2.99 20.29 -3.75
N THR A 118 1.90 20.05 -4.41
CA THR A 118 0.99 18.93 -4.14
C THR A 118 1.39 17.80 -5.04
N LEU A 119 1.74 16.67 -4.43
CA LEU A 119 2.04 15.43 -5.12
C LEU A 119 1.07 14.36 -4.65
N ASN A 120 0.74 13.46 -5.55
N ASN A 120 0.74 13.46 -5.55
N ASN A 120 0.71 13.44 -5.53
N ASN A 120 0.71 13.44 -5.53
CA ASN A 120 -0.17 12.34 -5.24
CA ASN A 120 -0.17 12.34 -5.24
CA ASN A 120 -0.24 12.36 -5.21
CA ASN A 120 -0.24 12.37 -5.20
C ASN A 120 0.65 11.10 -4.88
C ASN A 120 0.65 11.10 -4.88
C ASN A 120 0.53 11.08 -4.90
C ASN A 120 0.53 11.08 -4.90
N LEU A 121 0.60 10.74 -3.60
N LEU A 121 0.60 10.74 -3.60
N LEU A 121 0.63 10.77 -3.61
N LEU A 121 0.63 10.77 -3.61
CA LEU A 121 1.48 9.66 -3.10
CA LEU A 121 1.48 9.67 -3.10
CA LEU A 121 1.51 9.69 -3.12
CA LEU A 121 1.51 9.69 -3.12
C LEU A 121 0.66 8.43 -2.74
C LEU A 121 0.66 8.43 -2.74
C LEU A 121 0.69 8.43 -2.83
C LEU A 121 0.69 8.43 -2.83
N ASP A 122 1.32 7.29 -2.96
N ASP A 122 1.32 7.29 -2.96
N ASP A 122 1.37 7.30 -2.87
N ASP A 122 1.37 7.30 -2.87
CA ASP A 122 0.82 5.99 -2.51
CA ASP A 122 0.82 5.99 -2.51
CA ASP A 122 0.80 5.98 -2.53
CA ASP A 122 0.80 5.98 -2.53
C ASP A 122 1.17 5.78 -1.04
C ASP A 122 1.17 5.78 -1.04
C ASP A 122 1.14 5.67 -1.08
C ASP A 122 1.14 5.67 -1.08
N PHE A 123 0.17 5.80 -0.18
CA PHE A 123 0.39 5.58 1.28
C PHE A 123 0.57 4.09 1.49
N ASP A 124 1.68 3.71 2.07
CA ASP A 124 2.11 2.31 2.08
C ASP A 124 2.44 1.89 3.50
N THR A 125 1.53 1.16 4.16
CA THR A 125 1.79 0.64 5.53
C THR A 125 2.78 -0.50 5.49
N GLY A 126 3.29 -0.93 4.37
CA GLY A 126 4.34 -1.92 4.29
C GLY A 126 5.71 -1.39 4.01
N SER A 127 5.95 -0.10 4.08
CA SER A 127 7.31 0.46 3.93
C SER A 127 7.40 1.75 4.73
N SER A 128 8.60 2.31 4.77
CA SER A 128 8.90 3.38 5.74
C SER A 128 9.66 4.53 5.15
N ASP A 129 9.60 4.70 3.84
CA ASP A 129 10.28 5.83 3.18
C ASP A 129 9.23 6.73 2.55
N LEU A 130 9.39 8.02 2.68
CA LEU A 130 8.58 8.99 1.95
C LEU A 130 9.46 9.45 0.80
N TRP A 131 9.22 8.99 -0.39
CA TRP A 131 10.06 9.36 -1.53
C TRP A 131 9.19 9.88 -2.65
N VAL A 132 9.76 10.75 -3.46
CA VAL A 132 9.04 11.46 -4.51
C VAL A 132 9.83 11.51 -5.78
N PHE A 133 9.13 11.50 -6.89
N PHE A 133 9.13 11.50 -6.89
N PHE A 133 9.13 11.47 -6.91
N PHE A 133 9.13 11.47 -6.91
CA PHE A 133 9.66 12.01 -8.16
CA PHE A 133 9.65 12.01 -8.16
CA PHE A 133 9.65 11.95 -8.21
CA PHE A 133 9.65 11.95 -8.21
C PHE A 133 10.07 13.45 -7.92
C PHE A 133 10.07 13.45 -7.92
C PHE A 133 10.02 13.42 -8.01
C PHE A 133 10.02 13.42 -8.01
N SER A 134 11.15 13.84 -8.57
CA SER A 134 11.72 15.16 -8.30
C SER A 134 12.38 15.75 -9.53
N SER A 135 12.80 16.99 -9.35
CA SER A 135 13.68 17.70 -10.33
C SER A 135 15.01 16.98 -10.48
N GLU A 136 15.35 16.04 -9.64
CA GLU A 136 16.62 15.29 -9.72
C GLU A 136 16.39 13.97 -10.43
N THR A 137 15.17 13.55 -10.69
CA THR A 137 14.93 12.21 -11.25
C THR A 137 15.41 12.23 -12.72
N THR A 138 16.20 11.24 -13.07
CA THR A 138 16.66 11.01 -14.46
C THR A 138 15.50 11.29 -15.42
N ALA A 139 15.70 12.17 -16.39
CA ALA A 139 14.58 12.72 -17.18
C ALA A 139 13.89 11.58 -17.93
N SER A 140 14.62 10.60 -18.46
CA SER A 140 14.03 9.48 -19.23
C SER A 140 13.16 8.56 -18.35
N GLU A 141 13.25 8.72 -17.03
CA GLU A 141 12.48 7.87 -16.08
C GLU A 141 11.25 8.61 -15.58
N VAL A 142 11.00 9.80 -16.05
CA VAL A 142 9.78 10.53 -15.68
C VAL A 142 8.86 10.50 -16.90
N ASP A 143 7.62 10.12 -16.74
CA ASP A 143 6.62 10.09 -17.83
C ASP A 143 5.24 10.47 -17.27
N GLY A 144 5.06 11.74 -17.02
CA GLY A 144 3.77 12.31 -16.63
C GLY A 144 3.58 12.55 -15.15
N GLN A 145 4.51 12.10 -14.31
N GLN A 145 4.51 12.10 -14.31
N GLN A 145 4.50 12.09 -14.31
N GLN A 145 4.50 12.09 -14.31
CA GLN A 145 4.38 12.35 -12.85
CA GLN A 145 4.38 12.35 -12.85
CA GLN A 145 4.42 12.26 -12.83
CA GLN A 145 4.42 12.26 -12.83
C GLN A 145 4.53 13.84 -12.57
C GLN A 145 4.53 13.84 -12.57
C GLN A 145 4.66 13.74 -12.48
C GLN A 145 4.66 13.74 -12.48
N THR A 146 3.98 14.27 -11.45
CA THR A 146 4.27 15.58 -10.90
C THR A 146 5.55 15.43 -10.06
N ILE A 147 6.44 16.35 -10.18
CA ILE A 147 7.74 16.30 -9.48
C ILE A 147 7.81 17.34 -8.38
N TYR A 148 8.53 16.98 -7.34
CA TYR A 148 8.95 17.89 -6.28
C TYR A 148 10.25 18.60 -6.72
N THR A 149 10.27 19.91 -6.62
CA THR A 149 11.49 20.71 -6.96
C THR A 149 11.92 21.44 -5.69
N PRO A 150 12.92 20.87 -4.98
CA PRO A 150 13.30 21.48 -3.72
C PRO A 150 13.83 22.91 -3.84
N SER A 151 14.41 23.24 -4.97
CA SER A 151 14.97 24.59 -5.17
C SER A 151 13.85 25.62 -5.18
N LYS A 152 12.60 25.24 -5.38
CA LYS A 152 11.46 26.17 -5.40
C LYS A 152 10.81 26.24 -4.02
N SER A 153 11.32 25.51 -3.04
CA SER A 153 10.74 25.51 -1.68
C SER A 153 11.63 26.28 -0.72
N THR A 154 11.10 27.29 -0.08
CA THR A 154 11.90 28.13 0.84
C THR A 154 12.23 27.37 2.09
N THR A 155 11.54 26.28 2.38
CA THR A 155 11.76 25.50 3.61
C THR A 155 12.59 24.23 3.34
N ALA A 156 12.93 23.94 2.11
CA ALA A 156 13.70 22.73 1.82
C ALA A 156 15.16 22.93 2.23
N LYS A 157 15.78 21.88 2.76
N LYS A 157 15.76 21.89 2.79
N LYS A 157 15.77 21.89 2.76
N LYS A 157 15.76 21.89 2.79
CA LYS A 157 17.21 21.91 3.11
CA LYS A 157 17.18 21.88 3.18
CA LYS A 157 17.20 21.91 3.12
CA LYS A 157 17.18 21.88 3.18
C LYS A 157 17.80 20.54 2.85
C LYS A 157 17.75 20.54 2.75
C LYS A 157 17.81 20.54 2.84
C LYS A 157 17.75 20.53 2.75
N LEU A 158 18.89 20.51 2.07
CA LEU A 158 19.55 19.25 1.73
C LEU A 158 19.93 18.61 3.06
N LEU A 159 19.68 17.34 3.23
CA LEU A 159 20.15 16.55 4.37
C LEU A 159 21.51 16.01 3.91
N SER A 160 22.55 16.76 4.26
N SER A 160 22.63 16.79 4.27
N SER A 160 22.55 16.76 4.26
N SER A 160 22.63 16.79 4.27
CA SER A 160 23.88 16.58 3.65
CA SER A 160 23.94 16.63 3.63
CA SER A 160 23.88 16.57 3.64
CA SER A 160 23.94 16.63 3.63
C SER A 160 24.41 15.17 3.90
C SER A 160 24.48 15.24 3.87
C SER A 160 24.41 15.17 3.90
C SER A 160 24.48 15.24 3.87
N GLY A 161 24.81 14.50 2.83
CA GLY A 161 25.43 13.18 2.89
C GLY A 161 24.44 12.04 2.90
N ALA A 162 23.15 12.31 3.06
CA ALA A 162 22.16 11.24 3.21
C ALA A 162 21.76 10.68 1.83
N THR A 163 21.69 9.38 1.75
CA THR A 163 21.18 8.72 0.54
C THR A 163 20.17 7.66 0.96
N TRP A 164 19.46 7.17 -0.04
CA TRP A 164 18.46 6.12 0.22
C TRP A 164 18.38 5.25 -1.03
N SER A 165 17.91 4.05 -0.78
CA SER A 165 17.73 3.05 -1.86
C SER A 165 16.82 1.99 -1.31
N ILE A 166 15.76 1.71 -2.08
N ILE A 166 15.76 1.71 -2.08
N ILE A 166 15.74 1.69 -2.03
N ILE A 166 15.74 1.69 -2.03
CA ILE A 166 14.70 0.76 -1.66
CA ILE A 166 14.70 0.76 -1.66
CA ILE A 166 14.73 0.72 -1.55
CA ILE A 166 14.73 0.72 -1.55
C ILE A 166 14.34 -0.14 -2.83
C ILE A 166 14.34 -0.14 -2.83
C ILE A 166 14.37 -0.27 -2.65
C ILE A 166 14.37 -0.27 -2.65
N SER A 167 13.97 -1.36 -2.47
N SER A 167 13.97 -1.36 -2.47
N SER A 167 14.18 -1.51 -2.23
N SER A 167 14.18 -1.51 -2.23
CA SER A 167 13.40 -2.36 -3.40
CA SER A 167 13.40 -2.36 -3.40
CA SER A 167 13.84 -2.68 -3.07
CA SER A 167 13.83 -2.68 -3.07
C SER A 167 12.13 -2.91 -2.78
C SER A 167 12.13 -2.91 -2.78
C SER A 167 12.55 -3.29 -2.53
C SER A 167 12.55 -3.29 -2.53
N TYR A 168 11.11 -3.12 -3.60
N TYR A 168 11.11 -3.12 -3.60
N TYR A 168 11.43 -3.10 -3.22
N TYR A 168 11.43 -3.10 -3.22
CA TYR A 168 9.76 -3.53 -3.14
CA TYR A 168 9.76 -3.53 -3.14
CA TYR A 168 10.10 -3.58 -2.74
CA TYR A 168 10.10 -3.58 -2.74
C TYR A 168 9.50 -4.99 -3.54
C TYR A 168 9.50 -4.99 -3.54
C TYR A 168 9.94 -5.07 -3.10
C TYR A 168 9.94 -5.07 -3.10
N GLY A 169 8.45 -5.54 -2.95
N GLY A 169 8.45 -5.54 -2.95
N GLY A 169 9.01 -5.73 -2.41
N GLY A 169 9.01 -5.73 -2.41
CA GLY A 169 8.04 -6.94 -3.12
CA GLY A 169 8.04 -6.94 -3.12
CA GLY A 169 8.72 -7.16 -2.62
CA GLY A 169 8.72 -7.16 -2.62
C GLY A 169 7.77 -7.29 -4.57
C GLY A 169 7.77 -7.29 -4.57
C GLY A 169 8.44 -7.52 -4.07
C GLY A 169 8.44 -7.52 -4.07
N ASP A 170 7.41 -6.30 -5.39
N ASP A 170 7.41 -6.30 -5.39
N ASP A 170 7.81 -6.62 -4.84
N ASP A 170 7.81 -6.62 -4.84
CA ASP A 170 7.05 -6.52 -6.82
CA ASP A 170 7.05 -6.52 -6.82
CA ASP A 170 7.41 -6.87 -6.25
CA ASP A 170 7.41 -6.87 -6.25
C ASP A 170 8.28 -6.36 -7.72
C ASP A 170 8.28 -6.36 -7.72
C ASP A 170 8.63 -6.74 -7.17
C ASP A 170 8.63 -6.74 -7.17
N GLY A 171 9.48 -6.19 -7.18
N GLY A 171 9.48 -6.19 -7.18
N GLY A 171 9.80 -6.42 -6.60
N GLY A 171 9.80 -6.42 -6.60
CA GLY A 171 10.72 -6.09 -7.98
CA GLY A 171 10.72 -6.09 -7.98
CA GLY A 171 11.07 -6.27 -7.33
CA GLY A 171 11.07 -6.27 -7.33
C GLY A 171 11.05 -4.65 -8.37
C GLY A 171 11.05 -4.65 -8.37
C GLY A 171 11.27 -4.85 -7.83
C GLY A 171 11.27 -4.85 -7.82
N SER A 172 10.23 -3.69 -7.99
N SER A 172 10.23 -3.69 -7.99
N SER A 172 10.30 -3.97 -7.59
N SER A 172 10.30 -3.97 -7.59
CA SER A 172 10.44 -2.26 -8.30
CA SER A 172 10.44 -2.26 -8.30
CA SER A 172 10.39 -2.53 -7.93
CA SER A 172 10.40 -2.53 -7.93
C SER A 172 11.44 -1.64 -7.32
C SER A 172 11.44 -1.64 -7.32
C SER A 172 11.42 -1.90 -7.00
C SER A 172 11.42 -1.90 -7.00
N SER A 173 11.99 -0.49 -7.69
N SER A 173 11.99 -0.49 -7.69
N SER A 173 12.03 -0.78 -7.40
N SER A 173 12.03 -0.78 -7.40
CA SER A 173 13.06 0.14 -6.90
CA SER A 173 13.06 0.14 -6.90
CA SER A 173 13.09 -0.14 -6.59
CA SER A 173 13.09 -0.14 -6.59
C SER A 173 13.17 1.62 -7.22
C SER A 173 13.17 1.62 -7.22
C SER A 173 13.21 1.32 -6.97
C SER A 173 13.21 1.32 -6.97
N SER A 174 13.75 2.32 -6.27
N SER A 174 13.75 2.32 -6.27
N SER A 174 13.94 2.09 -6.16
N SER A 174 13.94 2.09 -6.16
CA SER A 174 14.12 3.73 -6.44
CA SER A 174 14.12 3.73 -6.44
CA SER A 174 14.13 3.55 -6.32
CA SER A 174 14.13 3.55 -6.32
C SER A 174 15.23 4.05 -5.44
C SER A 174 15.23 4.05 -5.44
C SER A 174 15.26 4.02 -5.41
C SER A 174 15.26 4.02 -5.41
N SER A 175 15.90 5.15 -5.73
CA SER A 175 17.01 5.62 -4.89
C SER A 175 17.27 7.06 -5.18
N GLY A 176 17.99 7.70 -4.24
CA GLY A 176 18.35 9.08 -4.42
C GLY A 176 18.98 9.72 -3.20
N ASP A 177 18.73 11.01 -3.07
CA ASP A 177 19.24 11.81 -1.94
C ASP A 177 18.08 12.36 -1.14
N VAL A 178 18.33 13.21 -0.16
CA VAL A 178 17.31 13.49 0.88
C VAL A 178 17.30 14.96 1.17
N TYR A 179 16.12 15.54 1.29
CA TYR A 179 15.86 16.90 1.77
C TYR A 179 15.04 16.84 3.02
N THR A 180 15.09 17.80 3.87
CA THR A 180 14.04 17.98 4.85
C THR A 180 13.16 19.10 4.39
N ASP A 181 11.86 18.98 4.68
CA ASP A 181 10.92 20.04 4.26
C ASP A 181 9.66 19.87 5.10
N THR A 182 8.77 20.82 4.96
CA THR A 182 7.44 20.77 5.58
C THR A 182 6.51 19.91 4.76
N VAL A 183 5.84 18.97 5.37
CA VAL A 183 4.93 18.04 4.68
C VAL A 183 3.62 18.12 5.42
N SER A 184 2.54 18.25 4.64
CA SER A 184 1.18 18.28 5.22
C SER A 184 0.30 17.24 4.53
N VAL A 185 -0.46 16.55 5.32
CA VAL A 185 -1.46 15.56 4.83
C VAL A 185 -2.77 15.93 5.44
N GLY A 186 -3.75 16.30 4.62
CA GLY A 186 -5.10 16.49 5.16
C GLY A 186 -5.18 17.52 6.25
N GLY A 187 -4.35 18.55 6.21
CA GLY A 187 -4.32 19.59 7.24
C GLY A 187 -3.37 19.30 8.39
N LEU A 188 -2.73 18.17 8.49
CA LEU A 188 -1.75 17.84 9.54
C LEU A 188 -0.37 18.13 9.01
N THR A 189 0.40 18.97 9.68
CA THR A 189 1.70 19.44 9.16
C THR A 189 2.80 18.90 10.03
N VAL A 190 3.85 18.40 9.39
CA VAL A 190 5.14 18.05 10.02
C VAL A 190 6.21 18.92 9.43
N THR A 191 6.96 19.57 10.30
CA THR A 191 8.17 20.29 9.87
C THR A 191 9.38 19.37 9.98
N GLY A 192 10.34 19.56 9.09
CA GLY A 192 11.58 18.79 9.14
C GLY A 192 11.36 17.34 8.75
N GLN A 193 10.37 17.00 7.95
CA GLN A 193 10.19 15.65 7.45
C GLN A 193 11.25 15.33 6.43
N ALA A 194 11.83 14.14 6.50
CA ALA A 194 12.72 13.68 5.43
C ALA A 194 11.88 13.37 4.19
N VAL A 195 12.20 14.03 3.13
CA VAL A 195 11.61 13.85 1.79
C VAL A 195 12.71 13.29 0.92
N GLU A 196 12.58 12.06 0.52
CA GLU A 196 13.61 11.33 -0.20
C GLU A 196 13.39 11.59 -1.68
N SER A 197 14.27 12.30 -2.31
CA SER A 197 14.18 12.75 -3.70
C SER A 197 14.74 11.67 -4.60
N ALA A 198 13.99 11.13 -5.55
CA ALA A 198 14.49 10.07 -6.42
C ALA A 198 15.43 10.65 -7.47
N LYS A 199 16.58 10.00 -7.58
CA LYS A 199 17.45 10.19 -8.76
C LYS A 199 17.13 9.10 -9.76
N LYS A 200 16.78 7.91 -9.32
CA LYS A 200 16.50 6.77 -10.20
C LYS A 200 15.25 6.08 -9.72
N VAL A 201 14.42 5.65 -10.66
CA VAL A 201 13.26 4.81 -10.35
C VAL A 201 13.24 3.66 -11.37
N SER A 202 12.68 2.54 -11.00
CA SER A 202 12.55 1.39 -11.94
C SER A 202 11.37 1.61 -12.87
N SER A 203 11.31 0.77 -13.91
CA SER A 203 10.37 0.94 -15.02
C SER A 203 8.92 0.97 -14.55
N SER A 204 8.58 0.16 -13.54
N SER A 204 8.58 0.16 -13.54
N SER A 204 8.57 0.17 -13.54
N SER A 204 8.57 0.17 -13.54
CA SER A 204 7.20 0.07 -13.03
CA SER A 204 7.20 0.07 -13.03
CA SER A 204 7.15 0.09 -13.09
CA SER A 204 7.15 0.09 -13.09
C SER A 204 6.75 1.45 -12.54
C SER A 204 6.75 1.45 -12.54
C SER A 204 6.72 1.45 -12.52
C SER A 204 6.71 1.44 -12.51
N PHE A 205 7.63 2.22 -11.90
N PHE A 205 7.63 2.22 -11.90
N PHE A 205 7.63 2.19 -11.88
N PHE A 205 7.63 2.19 -11.88
CA PHE A 205 7.27 3.57 -11.42
CA PHE A 205 7.27 3.57 -11.42
CA PHE A 205 7.31 3.54 -11.35
CA PHE A 205 7.31 3.54 -11.35
C PHE A 205 7.11 4.50 -12.60
C PHE A 205 7.11 4.50 -12.60
C PHE A 205 7.18 4.52 -12.52
C PHE A 205 7.18 4.52 -12.52
N THR A 206 8.08 4.51 -13.50
CA THR A 206 8.01 5.38 -14.68
C THR A 206 6.68 5.20 -15.42
N GLU A 207 6.30 3.95 -15.59
CA GLU A 207 5.12 3.57 -16.39
C GLU A 207 3.80 3.90 -15.68
N ASP A 208 3.84 4.25 -14.41
N ASP A 208 3.84 4.25 -14.41
N ASP A 208 3.83 4.10 -14.34
N ASP A 208 3.83 4.10 -14.34
CA ASP A 208 2.60 4.67 -13.71
CA ASP A 208 2.60 4.67 -13.71
CA ASP A 208 2.67 4.42 -13.45
CA ASP A 208 2.67 4.42 -13.44
C ASP A 208 2.63 6.19 -13.54
C ASP A 208 2.63 6.19 -13.54
C ASP A 208 2.51 5.94 -13.30
C ASP A 208 2.51 5.94 -13.30
N SER A 209 2.00 6.94 -14.45
N SER A 209 2.00 6.94 -14.45
N SER A 209 1.95 6.59 -14.31
N SER A 209 1.95 6.59 -14.31
CA SER A 209 2.01 8.44 -14.41
CA SER A 209 2.01 8.44 -14.41
CA SER A 209 1.91 8.07 -14.44
CA SER A 209 1.91 8.07 -14.44
C SER A 209 1.21 8.93 -13.22
C SER A 209 1.21 8.93 -13.22
C SER A 209 1.13 8.76 -13.31
C SER A 209 1.13 8.76 -13.31
N THR A 210 0.36 8.10 -12.63
N THR A 210 0.36 8.10 -12.63
N THR A 210 0.30 8.05 -12.56
N THR A 210 0.29 8.06 -12.56
CA THR A 210 -0.63 8.49 -11.59
CA THR A 210 -0.63 8.49 -11.59
CA THR A 210 -0.59 8.69 -11.55
CA THR A 210 -0.59 8.70 -11.55
C THR A 210 0.02 8.53 -10.20
C THR A 210 0.02 8.53 -10.20
C THR A 210 0.09 8.72 -10.17
C THR A 210 0.09 8.72 -10.17
N ILE A 211 1.22 7.99 -10.02
N ILE A 211 1.22 7.99 -10.02
N ILE A 211 1.08 7.86 -9.96
N ILE A 211 1.08 7.86 -9.96
CA ILE A 211 1.83 7.89 -8.67
CA ILE A 211 1.83 7.89 -8.67
CA ILE A 211 1.75 7.75 -8.64
CA ILE A 211 1.75 7.75 -8.64
C ILE A 211 3.11 8.74 -8.64
C ILE A 211 3.11 8.74 -8.64
C ILE A 211 3.03 8.57 -8.65
C ILE A 211 3.03 8.57 -8.65
N ASP A 212 3.11 9.77 -7.81
N ASP A 212 3.11 9.77 -7.81
N ASP A 212 3.09 9.62 -7.82
N ASP A 212 3.08 9.62 -7.82
CA ASP A 212 4.24 10.72 -7.79
CA ASP A 212 4.24 10.72 -7.79
CA ASP A 212 4.20 10.59 -7.77
CA ASP A 212 4.20 10.59 -7.77
C ASP A 212 5.24 10.34 -6.71
C ASP A 212 5.24 10.34 -6.71
C ASP A 212 5.22 10.18 -6.72
C ASP A 212 5.22 10.18 -6.72
N GLY A 213 4.99 9.27 -5.98
N GLY A 213 4.99 9.27 -5.98
N GLY A 213 5.05 9.02 -6.09
N GLY A 213 5.05 9.02 -6.09
CA GLY A 213 5.88 8.82 -4.92
CA GLY A 213 5.88 8.82 -4.92
CA GLY A 213 5.93 8.54 -5.03
CA GLY A 213 5.93 8.54 -5.03
C GLY A 213 5.12 8.03 -3.91
C GLY A 213 5.12 8.03 -3.91
C GLY A 213 5.15 7.78 -3.98
C GLY A 213 5.15 7.78 -3.98
N LEU A 214 5.82 7.67 -2.84
N LEU A 214 5.82 7.67 -2.84
N LEU A 214 5.82 7.41 -2.88
N LEU A 214 5.82 7.41 -2.88
CA LEU A 214 5.30 6.79 -1.78
CA LEU A 214 5.30 6.79 -1.78
CA LEU A 214 5.22 6.64 -1.78
CA LEU A 214 5.22 6.64 -1.78
C LEU A 214 5.38 7.53 -0.46
C LEU A 214 5.38 7.53 -0.46
C LEU A 214 5.44 7.37 -0.47
C LEU A 214 5.44 7.37 -0.47
N LEU A 215 4.46 7.25 0.44
CA LEU A 215 4.56 7.73 1.81
C LEU A 215 4.43 6.52 2.68
N GLY A 216 5.54 6.11 3.28
CA GLY A 216 5.57 4.89 4.08
C GLY A 216 5.04 5.11 5.48
N LEU A 217 4.30 4.12 5.95
CA LEU A 217 3.58 4.14 7.24
C LEU A 217 3.86 2.88 8.06
N ALA A 218 4.84 2.10 7.66
CA ALA A 218 5.36 1.02 8.54
C ALA A 218 6.28 1.63 9.57
N PHE A 219 6.95 0.80 10.36
CA PHE A 219 7.75 1.32 11.49
C PHE A 219 9.05 1.91 10.93
N SER A 220 9.56 2.93 11.63
CA SER A 220 10.71 3.69 11.12
C SER A 220 12.00 2.86 11.10
N THR A 221 12.03 1.75 11.80
CA THR A 221 13.16 0.80 11.73
C THR A 221 13.40 0.30 10.33
N LEU A 222 12.42 0.34 9.40
CA LEU A 222 12.63 -0.05 7.98
C LEU A 222 13.11 1.09 7.09
N ASN A 223 13.18 2.31 7.58
CA ASN A 223 13.55 3.43 6.70
C ASN A 223 14.95 3.21 6.13
N THR A 224 15.15 3.48 4.87
CA THR A 224 16.43 3.12 4.21
C THR A 224 17.44 4.28 4.20
N VAL A 225 17.17 5.42 4.78
CA VAL A 225 18.14 6.52 4.68
C VAL A 225 19.42 6.17 5.46
N SER A 226 20.53 6.43 4.81
CA SER A 226 21.89 6.20 5.33
C SER A 226 22.66 7.51 5.20
N PRO A 227 23.55 7.84 6.18
CA PRO A 227 23.90 7.02 7.33
C PRO A 227 23.06 7.23 8.57
N THR A 228 22.10 8.15 8.50
CA THR A 228 21.23 8.51 9.62
C THR A 228 19.80 8.11 9.21
N GLN A 229 19.27 7.06 9.81
CA GLN A 229 17.92 6.60 9.49
C GLN A 229 16.95 7.70 9.88
N GLN A 230 15.88 7.85 9.05
CA GLN A 230 14.87 8.90 9.26
C GLN A 230 13.53 8.30 9.69
N LYS A 231 12.74 9.15 10.31
CA LYS A 231 11.39 8.82 10.78
C LYS A 231 10.32 8.99 9.71
N THR A 232 9.31 8.14 9.80
CA THR A 232 8.11 8.29 8.94
C THR A 232 7.33 9.56 9.31
N PHE A 233 6.46 9.95 8.41
CA PHE A 233 5.55 11.09 8.65
C PHE A 233 4.73 10.82 9.91
N PHE A 234 4.24 9.60 10.08
CA PHE A 234 3.44 9.26 11.27
C PHE A 234 4.26 9.35 12.54
N ASP A 235 5.46 8.80 12.51
CA ASP A 235 6.30 8.85 13.70
C ASP A 235 6.63 10.30 14.03
N ASN A 236 6.90 11.16 13.07
CA ASN A 236 7.14 12.58 13.34
C ASN A 236 5.89 13.30 13.83
N ALA A 237 4.71 12.97 13.35
CA ALA A 237 3.46 13.62 13.76
C ALA A 237 2.96 13.16 15.11
N LYS A 238 3.35 11.96 15.54
N LYS A 238 3.36 11.98 15.56
N LYS A 238 3.33 11.95 15.53
N LYS A 238 3.36 11.98 15.56
CA LYS A 238 2.69 11.20 16.64
CA LYS A 238 2.67 11.22 16.63
CA LYS A 238 2.70 11.22 16.65
CA LYS A 238 2.66 11.22 16.63
C LYS A 238 2.48 12.04 17.89
C LYS A 238 2.48 12.03 17.92
C LYS A 238 2.45 12.10 17.87
C LYS A 238 2.48 12.04 17.92
N ALA A 239 3.51 12.72 18.38
CA ALA A 239 3.48 13.40 19.68
C ALA A 239 2.46 14.53 19.58
N SER A 240 2.25 15.12 18.41
CA SER A 240 1.32 16.25 18.19
C SER A 240 -0.12 15.76 18.06
N LEU A 241 -0.35 14.50 17.73
CA LEU A 241 -1.71 14.04 17.40
C LEU A 241 -2.58 13.96 18.64
N ASP A 242 -3.86 14.11 18.50
CA ASP A 242 -4.78 13.95 19.64
C ASP A 242 -4.71 12.54 20.21
N SER A 243 -4.54 11.53 19.36
N SER A 243 -4.62 11.55 19.33
N SER A 243 -4.54 11.53 19.36
N SER A 243 -4.62 11.55 19.34
CA SER A 243 -4.42 10.10 19.71
CA SER A 243 -4.38 10.14 19.67
CA SER A 243 -4.42 10.10 19.71
CA SER A 243 -4.35 10.14 19.69
C SER A 243 -3.37 9.55 18.75
C SER A 243 -3.28 9.62 18.74
C SER A 243 -3.37 9.55 18.75
C SER A 243 -3.29 9.61 18.74
N PRO A 244 -2.45 8.66 19.19
CA PRO A 244 -1.34 8.21 18.34
C PRO A 244 -1.74 7.10 17.37
N VAL A 245 -2.61 7.46 16.44
CA VAL A 245 -3.29 6.49 15.57
C VAL A 245 -3.40 7.05 14.18
N PHE A 246 -3.52 6.19 13.19
CA PHE A 246 -4.07 6.59 11.90
C PHE A 246 -4.98 5.48 11.46
N THR A 247 -5.92 5.79 10.58
CA THR A 247 -6.90 4.83 10.13
C THR A 247 -6.93 4.84 8.61
N ALA A 248 -7.16 3.66 8.07
CA ALA A 248 -7.31 3.43 6.63
C ALA A 248 -8.70 2.96 6.37
N ASP A 249 -9.40 3.64 5.48
CA ASP A 249 -10.76 3.33 5.09
C ASP A 249 -10.80 3.36 3.59
N LEU A 250 -10.32 2.31 2.95
CA LEU A 250 -10.19 2.24 1.48
C LEU A 250 -11.51 1.88 0.89
N GLY A 251 -11.82 2.45 -0.26
CA GLY A 251 -13.05 2.20 -1.01
C GLY A 251 -12.90 1.10 -2.01
N TYR A 252 -13.98 0.41 -2.29
CA TYR A 252 -14.11 -0.52 -3.44
C TYR A 252 -14.59 0.28 -4.64
N HIS A 253 -13.72 0.42 -5.60
CA HIS A 253 -14.03 1.15 -6.83
C HIS A 253 -14.56 2.52 -6.46
N ALA A 254 -13.99 3.18 -5.45
CA ALA A 254 -14.49 4.46 -4.93
C ALA A 254 -13.41 5.03 -4.05
N PRO A 255 -13.44 6.35 -3.82
CA PRO A 255 -12.52 6.98 -2.90
C PRO A 255 -12.79 6.52 -1.46
N GLY A 256 -11.78 6.72 -0.63
CA GLY A 256 -11.82 6.44 0.81
C GLY A 256 -11.05 7.48 1.53
N THR A 257 -10.62 7.19 2.75
CA THR A 257 -10.07 8.19 3.65
C THR A 257 -8.91 7.62 4.45
N TYR A 258 -7.89 8.41 4.65
CA TYR A 258 -6.85 8.23 5.66
C TYR A 258 -7.03 9.32 6.69
N ASN A 259 -7.20 8.95 7.95
CA ASN A 259 -7.28 9.92 9.05
C ASN A 259 -6.10 9.75 9.95
N PHE A 260 -5.60 10.81 10.52
CA PHE A 260 -4.50 10.82 11.49
C PHE A 260 -4.96 11.48 12.77
N GLY A 261 -4.79 10.78 13.87
CA GLY A 261 -4.97 11.35 15.21
C GLY A 261 -6.33 11.18 15.76
N PHE A 262 -7.28 10.52 15.12
CA PHE A 262 -8.62 10.32 15.64
C PHE A 262 -9.26 9.17 14.94
N ILE A 263 -10.29 8.62 15.55
N ILE A 263 -10.18 8.52 15.64
N ILE A 263 -10.29 8.62 15.55
N ILE A 263 -10.18 8.51 15.65
CA ILE A 263 -11.05 7.46 15.02
CA ILE A 263 -11.16 7.52 15.11
CA ILE A 263 -11.05 7.46 15.02
CA ILE A 263 -11.14 7.51 15.11
C ILE A 263 -12.46 7.96 14.76
C ILE A 263 -12.45 8.21 14.72
C ILE A 263 -12.47 7.96 14.76
C ILE A 263 -12.44 8.20 14.73
N ASP A 264 -12.85 8.04 13.48
CA ASP A 264 -14.17 8.53 13.06
C ASP A 264 -15.18 7.44 13.35
N THR A 265 -15.95 7.62 14.44
CA THR A 265 -16.89 6.58 14.90
C THR A 265 -18.05 6.52 13.93
N THR A 266 -18.23 7.41 12.98
CA THR A 266 -19.29 7.34 11.94
C THR A 266 -18.89 6.48 10.73
N ALA A 267 -17.62 6.07 10.66
CA ALA A 267 -17.04 5.48 9.44
C ALA A 267 -17.18 3.97 9.46
N TYR A 268 -17.68 3.36 10.52
CA TYR A 268 -17.74 1.88 10.58
C TYR A 268 -19.01 1.47 11.30
N THR A 269 -19.36 0.21 11.19
CA THR A 269 -20.54 -0.38 11.83
C THR A 269 -20.04 -1.28 12.96
N GLY A 270 -20.88 -1.51 13.97
CA GLY A 270 -20.50 -2.40 15.07
C GLY A 270 -19.33 -1.85 15.84
N SER A 271 -18.50 -2.74 16.33
N SER A 271 -18.51 -2.76 16.34
N SER A 271 -18.50 -2.74 16.33
N SER A 271 -18.51 -2.76 16.34
CA SER A 271 -17.36 -2.39 17.19
CA SER A 271 -17.36 -2.48 17.22
CA SER A 271 -17.36 -2.38 17.18
CA SER A 271 -17.36 -2.48 17.22
C SER A 271 -16.05 -2.66 16.46
C SER A 271 -16.06 -2.63 16.44
C SER A 271 -16.05 -2.66 16.46
C SER A 271 -16.06 -2.63 16.44
N ILE A 272 -14.98 -2.05 16.95
CA ILE A 272 -13.64 -2.30 16.41
C ILE A 272 -13.04 -3.40 17.27
N THR A 273 -12.50 -4.45 16.63
CA THR A 273 -11.78 -5.51 17.34
C THR A 273 -10.31 -5.29 17.21
N TYR A 274 -9.63 -5.11 18.29
CA TYR A 274 -8.20 -4.91 18.31
C TYR A 274 -7.43 -6.20 18.46
N THR A 275 -6.30 -6.28 17.88
CA THR A 275 -5.45 -7.48 17.84
C THR A 275 -4.01 -7.07 17.98
N ALA A 276 -3.19 -7.95 18.55
CA ALA A 276 -1.78 -7.66 18.82
C ALA A 276 -0.96 -7.51 17.55
N VAL A 277 0.05 -6.69 17.65
CA VAL A 277 0.99 -6.44 16.55
C VAL A 277 2.38 -6.81 17.01
N SER A 278 3.13 -7.49 16.17
CA SER A 278 4.57 -7.64 16.34
C SER A 278 5.27 -6.63 15.45
N THR A 279 6.20 -5.88 16.01
CA THR A 279 7.01 -4.94 15.20
C THR A 279 8.40 -5.53 14.88
N LYS A 280 8.60 -6.81 15.12
CA LYS A 280 9.95 -7.42 15.00
C LYS A 280 10.49 -7.31 13.58
N GLN A 281 9.67 -7.35 12.54
CA GLN A 281 10.12 -7.23 11.15
C GLN A 281 9.86 -5.80 10.62
N GLY A 282 9.41 -4.87 11.46
CA GLY A 282 9.14 -3.48 11.06
C GLY A 282 7.80 -3.28 10.39
N PHE A 283 6.96 -4.28 10.39
CA PHE A 283 5.63 -4.21 9.73
C PHE A 283 4.55 -4.20 10.77
N TRP A 284 3.32 -3.88 10.33
CA TRP A 284 2.10 -4.05 11.10
C TRP A 284 1.71 -5.52 10.96
N GLU A 285 2.42 -6.37 11.72
CA GLU A 285 2.27 -7.83 11.61
C GLU A 285 1.36 -8.32 12.69
N TRP A 286 0.40 -9.13 12.35
CA TRP A 286 -0.65 -9.59 13.25
C TRP A 286 -1.02 -11.01 12.87
N THR A 287 -1.90 -11.63 13.60
CA THR A 287 -2.31 -13.02 13.39
C THR A 287 -3.79 -13.10 13.24
N SER A 288 -4.27 -13.41 12.06
CA SER A 288 -5.68 -13.71 11.84
C SER A 288 -6.05 -15.04 12.48
N THR A 289 -7.27 -15.15 12.90
CA THR A 289 -7.78 -16.36 13.59
C THR A 289 -8.40 -17.35 12.65
N GLY A 290 -8.50 -17.09 11.35
CA GLY A 290 -8.94 -18.14 10.43
C GLY A 290 -9.71 -17.59 9.25
N TYR A 291 -10.40 -18.44 8.54
CA TYR A 291 -11.04 -18.00 7.32
C TYR A 291 -12.22 -18.84 7.00
N ALA A 292 -13.07 -18.33 6.13
CA ALA A 292 -14.15 -19.11 5.51
C ALA A 292 -14.23 -18.75 4.04
N VAL A 293 -14.68 -19.67 3.21
CA VAL A 293 -14.91 -19.43 1.77
C VAL A 293 -16.39 -19.39 1.54
N GLY A 294 -16.94 -18.34 1.00
CA GLY A 294 -18.36 -18.24 0.75
C GLY A 294 -19.15 -18.46 1.99
N SER A 295 -20.20 -19.28 1.88
N SER A 295 -20.19 -19.30 1.86
N SER A 295 -20.20 -19.28 1.88
N SER A 295 -20.18 -19.30 1.86
CA SER A 295 -21.10 -19.60 3.02
CA SER A 295 -21.14 -19.71 2.93
CA SER A 295 -21.10 -19.61 3.00
CA SER A 295 -21.14 -19.71 2.92
C SER A 295 -20.55 -20.79 3.81
C SER A 295 -20.60 -20.93 3.69
C SER A 295 -20.55 -20.79 3.79
C SER A 295 -20.60 -20.93 3.68
N GLY A 296 -19.32 -21.26 3.53
CA GLY A 296 -18.73 -22.41 4.20
C GLY A 296 -18.42 -22.18 5.66
N THR A 297 -18.08 -23.27 6.32
CA THR A 297 -17.77 -23.20 7.75
C THR A 297 -16.46 -22.43 7.95
N PHE A 298 -16.37 -21.78 9.06
CA PHE A 298 -15.15 -21.04 9.41
C PHE A 298 -14.10 -22.01 9.89
N LYS A 299 -12.90 -21.95 9.37
CA LYS A 299 -11.74 -22.75 9.74
C LYS A 299 -10.90 -21.95 10.71
N SER A 300 -10.82 -22.38 11.97
CA SER A 300 -9.98 -21.74 12.99
C SER A 300 -8.54 -22.12 12.77
N THR A 301 -7.67 -21.20 12.43
CA THR A 301 -6.28 -21.47 12.15
C THR A 301 -5.54 -20.14 12.23
N SER A 302 -4.40 -20.10 12.80
CA SER A 302 -3.58 -18.86 12.93
C SER A 302 -2.90 -18.53 11.63
N ILE A 303 -3.10 -17.33 11.10
CA ILE A 303 -2.44 -16.89 9.85
C ILE A 303 -1.72 -15.60 10.16
N ASP A 304 -0.43 -15.69 10.37
N ASP A 304 -0.41 -15.66 10.23
N ASP A 304 -0.42 -15.68 10.36
N ASP A 304 -0.41 -15.67 10.24
CA ASP A 304 0.42 -14.49 10.55
CA ASP A 304 0.42 -14.48 10.55
CA ASP A 304 0.42 -14.49 10.55
CA ASP A 304 0.41 -14.47 10.55
C ASP A 304 0.41 -13.73 9.22
C ASP A 304 0.69 -13.69 9.27
C ASP A 304 0.43 -13.73 9.22
C ASP A 304 0.68 -13.70 9.26
N GLY A 305 0.39 -12.40 9.26
CA GLY A 305 0.61 -11.62 8.05
C GLY A 305 0.70 -10.16 8.37
N ILE A 306 0.85 -9.37 7.35
CA ILE A 306 1.00 -7.90 7.55
C ILE A 306 -0.18 -7.17 6.96
N ALA A 307 -0.55 -6.06 7.55
CA ALA A 307 -1.54 -5.15 6.99
C ALA A 307 -0.82 -4.17 6.12
N ASP A 308 -0.99 -4.27 4.79
CA ASP A 308 -0.13 -3.53 3.80
C ASP A 308 -0.96 -2.81 2.75
N THR A 309 -1.20 -1.52 2.98
CA THR A 309 -1.99 -0.72 2.03
C THR A 309 -1.33 -0.57 0.69
N GLY A 310 -0.03 -0.78 0.60
N GLY A 310 -0.03 -0.78 0.60
N GLY A 310 -0.03 -0.78 0.64
N GLY A 310 -0.03 -0.78 0.64
CA GLY A 310 0.71 -0.61 -0.66
CA GLY A 310 0.71 -0.61 -0.66
CA GLY A 310 0.79 -0.65 -0.56
CA GLY A 310 0.79 -0.65 -0.56
C GLY A 310 0.81 -1.90 -1.46
C GLY A 310 0.81 -1.90 -1.46
C GLY A 310 0.65 -1.82 -1.52
C GLY A 310 0.65 -1.82 -1.52
N THR A 311 0.09 -2.94 -1.06
CA THR A 311 -0.02 -4.18 -1.85
C THR A 311 -1.46 -4.31 -2.31
N THR A 312 -1.66 -4.56 -3.59
CA THR A 312 -3.02 -4.59 -4.14
C THR A 312 -3.83 -5.79 -3.62
N LEU A 313 -3.24 -6.97 -3.67
CA LEU A 313 -3.98 -8.23 -3.50
C LEU A 313 -3.84 -8.82 -2.11
N LEU A 314 -4.57 -9.89 -1.86
CA LEU A 314 -4.53 -10.68 -0.60
C LEU A 314 -3.67 -11.89 -0.91
N TYR A 315 -2.54 -12.01 -0.23
CA TYR A 315 -1.62 -13.14 -0.39
C TYR A 315 -1.62 -14.00 0.86
N LEU A 316 -2.05 -15.26 0.71
CA LEU A 316 -2.28 -16.18 1.84
C LEU A 316 -1.63 -17.51 1.54
N PRO A 317 -1.56 -18.40 2.54
CA PRO A 317 -0.91 -19.69 2.32
C PRO A 317 -1.61 -20.47 1.21
N ALA A 318 -0.84 -21.30 0.52
CA ALA A 318 -1.33 -22.04 -0.63
C ALA A 318 -2.52 -22.90 -0.29
N THR A 319 -2.57 -23.47 0.91
CA THR A 319 -3.70 -24.30 1.33
C THR A 319 -5.01 -23.48 1.29
N VAL A 320 -4.94 -22.26 1.87
CA VAL A 320 -6.13 -21.38 1.98
C VAL A 320 -6.55 -20.96 0.59
N VAL A 321 -5.60 -20.58 -0.22
CA VAL A 321 -5.88 -20.06 -1.56
C VAL A 321 -6.48 -21.16 -2.42
N SER A 322 -5.92 -22.39 -2.34
CA SER A 322 -6.49 -23.52 -3.10
C SER A 322 -7.93 -23.77 -2.66
N ALA A 323 -8.19 -23.73 -1.36
CA ALA A 323 -9.55 -23.95 -0.88
C ALA A 323 -10.51 -22.90 -1.44
N TYR A 324 -10.06 -21.66 -1.58
CA TYR A 324 -10.92 -20.60 -2.14
C TYR A 324 -11.21 -20.91 -3.60
N TRP A 325 -10.18 -21.09 -4.43
CA TRP A 325 -10.37 -21.17 -5.88
C TRP A 325 -11.00 -22.50 -6.27
N ALA A 326 -10.94 -23.51 -5.42
CA ALA A 326 -11.66 -24.77 -5.67
C ALA A 326 -13.17 -24.54 -5.76
N GLN A 327 -13.66 -23.45 -5.22
CA GLN A 327 -15.12 -23.14 -5.23
C GLN A 327 -15.46 -22.37 -6.48
N VAL A 328 -14.59 -22.16 -7.43
CA VAL A 328 -14.87 -21.38 -8.68
C VAL A 328 -14.62 -22.31 -9.84
N SER A 329 -15.69 -22.69 -10.57
N SER A 329 -15.69 -22.68 -10.56
N SER A 329 -15.69 -22.68 -10.57
N SER A 329 -15.69 -22.68 -10.56
CA SER A 329 -15.58 -23.61 -11.73
CA SER A 329 -15.62 -23.58 -11.73
CA SER A 329 -15.61 -23.60 -11.73
CA SER A 329 -15.59 -23.61 -11.72
C SER A 329 -14.61 -23.04 -12.74
C SER A 329 -14.61 -23.03 -12.74
C SER A 329 -14.61 -23.03 -12.74
C SER A 329 -14.61 -23.03 -12.74
N GLY A 330 -13.63 -23.83 -13.11
CA GLY A 330 -12.69 -23.46 -14.14
C GLY A 330 -11.54 -22.60 -13.63
N ALA A 331 -11.44 -22.30 -12.34
CA ALA A 331 -10.28 -21.56 -11.84
C ALA A 331 -9.07 -22.46 -11.82
N LYS A 332 -7.90 -21.89 -12.00
CA LYS A 332 -6.67 -22.65 -12.01
C LYS A 332 -5.55 -21.71 -11.76
N SER A 333 -4.43 -22.27 -11.29
CA SER A 333 -3.17 -21.54 -11.15
C SER A 333 -2.41 -21.64 -12.44
N SER A 334 -2.10 -20.53 -13.05
CA SER A 334 -1.37 -20.43 -14.32
C SER A 334 0.04 -19.92 -14.05
N SER A 335 1.05 -20.74 -14.31
N SER A 335 1.03 -20.78 -14.32
N SER A 335 1.04 -20.75 -14.31
N SER A 335 1.02 -20.77 -14.31
CA SER A 335 2.48 -20.34 -14.22
CA SER A 335 2.47 -20.43 -14.27
CA SER A 335 2.48 -20.34 -14.23
CA SER A 335 2.47 -20.45 -14.28
C SER A 335 2.75 -19.28 -15.30
C SER A 335 2.75 -19.33 -15.30
C SER A 335 2.75 -19.28 -15.30
C SER A 335 2.75 -19.33 -15.30
N SER A 336 2.11 -19.38 -16.47
CA SER A 336 2.31 -18.39 -17.56
C SER A 336 1.80 -17.01 -17.16
N VAL A 337 0.67 -16.93 -16.43
CA VAL A 337 0.11 -15.62 -16.04
C VAL A 337 0.74 -15.14 -14.73
N GLY A 338 1.11 -16.06 -13.88
CA GLY A 338 1.68 -15.78 -12.56
C GLY A 338 0.66 -15.77 -11.43
N GLY A 339 -0.34 -16.62 -11.49
CA GLY A 339 -1.20 -16.84 -10.33
C GLY A 339 -2.50 -17.44 -10.78
N TYR A 340 -3.44 -17.48 -9.89
CA TYR A 340 -4.79 -17.98 -10.14
C TYR A 340 -5.52 -17.03 -11.08
N VAL A 341 -6.15 -17.69 -12.03
CA VAL A 341 -7.08 -17.06 -13.02
C VAL A 341 -8.37 -17.84 -12.98
N PHE A 342 -9.42 -17.19 -13.45
CA PHE A 342 -10.77 -17.79 -13.42
C PHE A 342 -11.52 -17.30 -14.63
N PRO A 343 -12.58 -18.04 -15.01
CA PRO A 343 -13.40 -17.58 -16.14
C PRO A 343 -14.09 -16.30 -15.81
N CYS A 344 -14.03 -15.33 -16.74
CA CYS A 344 -14.69 -14.06 -16.50
C CYS A 344 -16.21 -14.25 -16.39
N SER A 345 -16.77 -15.35 -16.83
CA SER A 345 -18.20 -15.64 -16.64
C SER A 345 -18.54 -16.05 -15.23
N ALA A 346 -17.58 -16.26 -14.33
CA ALA A 346 -17.85 -16.79 -12.98
C ALA A 346 -18.43 -15.71 -12.11
N THR A 347 -19.19 -16.16 -11.12
CA THR A 347 -19.55 -15.37 -9.92
C THR A 347 -18.69 -15.85 -8.77
N LEU A 348 -17.89 -14.96 -8.17
CA LEU A 348 -16.91 -15.33 -7.13
C LEU A 348 -17.60 -15.40 -5.78
N PRO A 349 -17.23 -16.37 -4.95
CA PRO A 349 -17.66 -16.38 -3.57
C PRO A 349 -16.94 -15.33 -2.73
N SER A 350 -17.54 -14.97 -1.60
CA SER A 350 -16.88 -14.13 -0.64
C SER A 350 -15.73 -14.89 0.05
N PHE A 351 -14.93 -14.14 0.75
CA PHE A 351 -13.87 -14.67 1.60
C PHE A 351 -13.93 -13.99 2.94
N THR A 352 -13.97 -14.73 4.01
CA THR A 352 -14.01 -14.16 5.37
C THR A 352 -12.70 -14.39 6.06
N PHE A 353 -12.17 -13.42 6.76
CA PHE A 353 -11.00 -13.63 7.63
C PHE A 353 -11.34 -13.22 9.05
N GLY A 354 -10.73 -13.93 10.00
CA GLY A 354 -10.96 -13.66 11.42
C GLY A 354 -10.01 -12.65 11.99
N VAL A 355 -10.59 -11.83 12.88
CA VAL A 355 -9.85 -10.87 13.71
C VAL A 355 -10.30 -11.15 15.13
N GLY A 356 -9.50 -11.85 15.91
CA GLY A 356 -10.01 -12.37 17.20
C GLY A 356 -11.30 -13.13 16.94
N SER A 357 -12.35 -12.87 17.71
N SER A 357 -12.34 -12.85 17.72
N SER A 357 -12.35 -12.89 17.71
N SER A 357 -12.34 -12.85 17.72
CA SER A 357 -13.66 -13.53 17.55
CA SER A 357 -13.67 -13.50 17.59
CA SER A 357 -13.67 -13.54 17.53
CA SER A 357 -13.67 -13.50 17.59
C SER A 357 -14.52 -12.84 16.48
C SER A 357 -14.51 -12.84 16.48
C SER A 357 -14.52 -12.84 16.48
C SER A 357 -14.51 -12.84 16.49
N ALA A 358 -14.03 -11.75 15.90
CA ALA A 358 -14.77 -11.02 14.87
C ALA A 358 -14.43 -11.56 13.46
N ARG A 359 -15.20 -11.15 12.52
CA ARG A 359 -15.09 -11.67 11.12
C ARG A 359 -15.20 -10.49 10.18
N ILE A 360 -14.35 -10.42 9.17
CA ILE A 360 -14.42 -9.42 8.10
C ILE A 360 -14.73 -10.21 6.85
N VAL A 361 -15.77 -9.80 6.15
CA VAL A 361 -16.20 -10.45 4.91
C VAL A 361 -15.78 -9.64 3.71
N ILE A 362 -15.00 -10.23 2.82
CA ILE A 362 -14.60 -9.64 1.55
C ILE A 362 -15.61 -10.13 0.53
N PRO A 363 -16.45 -9.28 -0.05
CA PRO A 363 -17.37 -9.72 -1.07
C PRO A 363 -16.62 -10.28 -2.26
N GLY A 364 -17.27 -11.23 -2.98
CA GLY A 364 -16.66 -11.83 -4.15
C GLY A 364 -16.23 -10.84 -5.20
N ASP A 365 -17.01 -9.77 -5.38
N ASP A 365 -16.97 -9.76 -5.47
N ASP A 365 -17.01 -9.78 -5.38
N ASP A 365 -16.97 -9.76 -5.47
CA ASP A 365 -16.67 -8.79 -6.42
CA ASP A 365 -16.53 -8.88 -6.58
CA ASP A 365 -16.67 -8.79 -6.42
CA ASP A 365 -16.53 -8.88 -6.58
C ASP A 365 -15.30 -8.15 -6.14
C ASP A 365 -15.29 -8.06 -6.16
C ASP A 365 -15.31 -8.15 -6.15
C ASP A 365 -15.29 -8.07 -6.17
N TYR A 366 -14.92 -8.04 -4.90
CA TYR A 366 -13.63 -7.42 -4.55
C TYR A 366 -12.45 -8.26 -5.05
N ILE A 367 -12.70 -9.54 -5.33
CA ILE A 367 -11.65 -10.52 -5.68
C ILE A 367 -11.46 -10.59 -7.19
N ASP A 368 -12.28 -9.87 -7.96
N ASP A 368 -12.27 -9.85 -7.95
CA ASP A 368 -12.16 -9.84 -9.43
CA ASP A 368 -12.20 -9.86 -9.44
C ASP A 368 -11.26 -8.71 -9.90
C ASP A 368 -11.28 -8.73 -9.92
N PHE A 369 -10.13 -9.09 -10.50
CA PHE A 369 -9.19 -8.09 -11.06
C PHE A 369 -9.23 -8.10 -12.60
N GLY A 370 -10.26 -8.63 -13.18
CA GLY A 370 -10.61 -8.40 -14.59
C GLY A 370 -9.71 -9.20 -15.51
N PRO A 371 -9.92 -8.99 -16.82
CA PRO A 371 -9.23 -9.78 -17.83
C PRO A 371 -7.72 -9.71 -17.69
N ILE A 372 -7.06 -10.80 -17.94
CA ILE A 372 -5.59 -10.84 -17.82
C ILE A 372 -4.94 -10.00 -18.90
N SER A 373 -5.55 -9.83 -20.02
CA SER A 373 -5.14 -8.95 -21.11
C SER A 373 -6.40 -8.45 -21.70
N THR A 374 -6.32 -7.34 -22.41
CA THR A 374 -7.47 -6.75 -22.95
C THR A 374 -8.28 -7.72 -23.83
N GLY A 375 -9.55 -7.88 -23.61
CA GLY A 375 -10.42 -8.73 -24.35
C GLY A 375 -10.43 -10.23 -24.01
N SER A 376 -9.57 -10.63 -23.07
CA SER A 376 -9.49 -12.03 -22.65
C SER A 376 -10.72 -12.43 -21.86
N SER A 377 -11.10 -13.66 -21.97
CA SER A 377 -12.13 -14.22 -21.06
C SER A 377 -11.54 -14.89 -19.83
N SER A 378 -10.24 -14.83 -19.63
N SER A 378 -10.23 -14.80 -19.63
N SER A 378 -10.24 -14.83 -19.63
N SER A 378 -10.23 -14.80 -19.63
CA SER A 378 -9.61 -15.26 -18.37
CA SER A 378 -9.54 -15.25 -18.41
CA SER A 378 -9.61 -15.26 -18.38
CA SER A 378 -9.55 -15.26 -18.41
C SER A 378 -9.38 -14.03 -17.52
C SER A 378 -9.31 -14.05 -17.51
C SER A 378 -9.38 -14.03 -17.52
C SER A 378 -9.31 -14.05 -17.51
N CYS A 379 -9.79 -14.11 -16.27
CA CYS A 379 -9.69 -13.01 -15.32
C CYS A 379 -8.71 -13.32 -14.20
N PHE A 380 -8.08 -12.31 -13.70
CA PHE A 380 -7.05 -12.50 -12.67
C PHE A 380 -7.66 -12.43 -11.27
N GLY A 381 -7.29 -13.36 -10.42
CA GLY A 381 -7.82 -13.39 -9.06
C GLY A 381 -7.18 -12.44 -8.08
N GLY A 382 -7.98 -12.00 -7.14
CA GLY A 382 -7.49 -11.09 -6.11
C GLY A 382 -6.99 -11.75 -4.86
N ILE A 383 -7.10 -13.05 -4.77
CA ILE A 383 -6.52 -13.84 -3.67
C ILE A 383 -5.48 -14.73 -4.34
N GLN A 384 -4.25 -14.65 -3.89
CA GLN A 384 -3.10 -15.34 -4.51
C GLN A 384 -2.27 -15.97 -3.42
N SER A 385 -1.47 -16.96 -3.80
CA SER A 385 -0.59 -17.63 -2.84
C SER A 385 0.56 -16.74 -2.44
N SER A 386 0.88 -16.77 -1.16
CA SER A 386 2.08 -16.14 -0.59
C SER A 386 3.31 -17.03 -0.65
N ALA A 387 3.20 -18.24 -1.20
N ALA A 387 3.19 -18.25 -1.16
N ALA A 387 3.20 -18.23 -1.21
N ALA A 387 3.19 -18.25 -1.14
CA ALA A 387 4.35 -19.16 -1.28
CA ALA A 387 4.24 -19.27 -0.95
CA ALA A 387 4.36 -19.15 -1.34
CA ALA A 387 4.27 -19.25 -0.97
C ALA A 387 5.42 -18.56 -2.19
C ALA A 387 5.60 -18.78 -1.48
C ALA A 387 5.48 -18.47 -2.13
C ALA A 387 5.60 -18.71 -1.53
N GLY A 388 6.60 -18.30 -1.62
N GLY A 388 5.65 -17.97 -2.53
N GLY A 388 6.65 -18.36 -1.50
N GLY A 388 5.60 -17.94 -2.61
CA GLY A 388 7.72 -17.67 -2.33
CA GLY A 388 6.91 -17.49 -3.12
CA GLY A 388 7.83 -17.76 -2.11
CA GLY A 388 6.86 -17.44 -3.22
C GLY A 388 7.89 -16.22 -1.89
C GLY A 388 7.27 -16.08 -2.65
C GLY A 388 7.92 -16.27 -1.83
C GLY A 388 7.40 -16.17 -2.54
N ILE A 389 6.87 -15.62 -1.28
N ILE A 389 6.78 -15.66 -1.47
N ILE A 389 6.88 -15.66 -1.23
N ILE A 389 6.74 -15.66 -1.48
CA ILE A 389 6.97 -14.22 -0.74
CA ILE A 389 7.00 -14.30 -0.85
CA ILE A 389 6.98 -14.26 -0.75
CA ILE A 389 7.00 -14.31 -0.85
C ILE A 389 7.66 -14.29 0.60
C ILE A 389 7.72 -14.37 0.50
C ILE A 389 7.66 -14.29 0.60
C ILE A 389 7.73 -14.40 0.49
N GLY A 390 7.40 -15.35 1.38
CA GLY A 390 7.98 -15.47 2.71
C GLY A 390 7.14 -14.79 3.76
N ILE A 391 6.01 -14.15 3.38
CA ILE A 391 5.06 -13.55 4.35
C ILE A 391 3.66 -13.49 3.71
N ASN A 392 2.68 -13.62 4.57
CA ASN A 392 1.28 -13.39 4.15
C ASN A 392 1.01 -11.90 4.16
N ILE A 393 0.25 -11.44 3.20
CA ILE A 393 -0.01 -9.99 3.04
C ILE A 393 -1.48 -9.74 2.95
N PHE A 394 -2.04 -9.02 3.93
CA PHE A 394 -3.40 -8.52 3.89
C PHE A 394 -3.32 -7.18 3.17
N GLY A 395 -3.35 -7.20 1.85
CA GLY A 395 -3.28 -6.02 1.01
C GLY A 395 -4.67 -5.43 0.82
N ASP A 396 -4.77 -4.58 -0.16
CA ASP A 396 -5.98 -3.74 -0.33
C ASP A 396 -7.25 -4.56 -0.48
N VAL A 397 -7.21 -5.71 -1.15
CA VAL A 397 -8.39 -6.56 -1.29
C VAL A 397 -9.01 -6.82 0.06
N ALA A 398 -8.20 -7.14 1.05
CA ALA A 398 -8.71 -7.39 2.40
C ALA A 398 -9.01 -6.09 3.13
N LEU A 399 -8.07 -5.14 3.08
CA LEU A 399 -8.24 -3.94 3.92
C LEU A 399 -9.42 -3.12 3.49
N LYS A 400 -9.75 -3.11 2.20
N LYS A 400 -9.77 -3.09 2.22
N LYS A 400 -9.75 -3.11 2.20
N LYS A 400 -9.77 -3.09 2.22
CA LYS A 400 -10.85 -2.26 1.69
CA LYS A 400 -10.87 -2.21 1.80
CA LYS A 400 -10.86 -2.27 1.69
CA LYS A 400 -10.87 -2.20 1.78
C LYS A 400 -12.20 -2.79 2.22
C LYS A 400 -12.23 -2.78 2.21
C LYS A 400 -12.20 -2.78 2.21
C LYS A 400 -12.23 -2.78 2.21
N ALA A 401 -12.27 -4.02 2.70
CA ALA A 401 -13.48 -4.56 3.31
C ALA A 401 -13.65 -4.10 4.75
N ALA A 402 -12.73 -3.34 5.32
CA ALA A 402 -12.76 -3.00 6.75
C ALA A 402 -12.42 -1.52 6.93
N PHE A 403 -12.76 -1.05 8.11
CA PHE A 403 -12.20 0.17 8.69
C PHE A 403 -11.02 -0.28 9.53
N VAL A 404 -9.83 0.17 9.28
CA VAL A 404 -8.63 -0.38 9.92
C VAL A 404 -7.95 0.70 10.74
N VAL A 405 -7.71 0.42 12.00
CA VAL A 405 -7.00 1.31 12.92
C VAL A 405 -5.58 0.85 13.10
N PHE A 406 -4.64 1.71 12.82
CA PHE A 406 -3.22 1.47 13.04
C PHE A 406 -2.88 2.26 14.29
N ASN A 407 -2.85 1.55 15.42
CA ASN A 407 -2.65 2.16 16.76
C ASN A 407 -1.17 2.15 17.08
N GLY A 408 -0.56 3.31 17.04
CA GLY A 408 0.86 3.52 17.29
C GLY A 408 1.18 3.92 18.70
N ALA A 409 0.38 3.55 19.65
CA ALA A 409 0.73 3.65 21.08
C ALA A 409 1.99 2.82 21.40
N THR A 410 2.51 3.03 22.61
CA THR A 410 3.79 2.43 23.08
C THR A 410 3.81 0.94 22.72
N THR A 411 2.72 0.25 23.01
CA THR A 411 2.44 -1.12 22.49
C THR A 411 1.45 -1.01 21.31
N PRO A 412 1.97 -1.12 20.08
CA PRO A 412 1.06 -0.98 18.92
C PRO A 412 0.03 -2.08 18.83
N THR A 413 -1.14 -1.79 18.28
CA THR A 413 -2.15 -2.77 17.96
C THR A 413 -2.81 -2.42 16.64
N LEU A 414 -3.48 -3.37 16.02
N LEU A 414 -3.71 -3.28 16.21
N LEU A 414 -3.48 -3.37 16.02
N LEU A 414 -3.70 -3.27 16.21
CA LEU A 414 -4.39 -3.11 14.88
CA LEU A 414 -4.37 -3.13 14.90
CA LEU A 414 -4.39 -3.11 14.88
CA LEU A 414 -4.37 -3.12 14.90
C LEU A 414 -5.82 -3.27 15.33
C LEU A 414 -5.85 -3.43 15.10
C LEU A 414 -5.82 -3.27 15.33
C LEU A 414 -5.85 -3.43 15.10
N GLY A 415 -6.72 -2.49 14.76
CA GLY A 415 -8.13 -2.65 14.94
C GLY A 415 -8.85 -2.86 13.62
N PHE A 416 -9.82 -3.71 13.55
CA PHE A 416 -10.66 -3.90 12.36
C PHE A 416 -12.09 -3.77 12.71
N ALA A 417 -12.87 -3.09 11.91
CA ALA A 417 -14.31 -3.04 12.03
C ALA A 417 -14.91 -3.30 10.64
N SER A 418 -16.08 -3.84 10.58
CA SER A 418 -16.91 -3.85 9.36
C SER A 418 -17.37 -2.44 9.06
N LYS A 419 -17.83 -2.25 7.83
CA LYS A 419 -18.31 -0.90 7.43
C LYS A 419 -19.37 -0.99 6.35
#